data_2XV5
#
_entry.id   2XV5
#
_cell.length_a   35.093
_cell.length_b   50.114
_cell.length_c   89.745
_cell.angle_alpha   90.00
_cell.angle_beta   90.00
_cell.angle_gamma   90.00
#
_symmetry.space_group_name_H-M   'P 21 21 21'
#
loop_
_entity.id
_entity.type
_entity.pdbx_description
1 polymer LAMIN-A/C
2 water water
#
_entity_poly.entity_id   1
_entity_poly.type   'polypeptide(L)'
_entity_poly.pdbx_seq_one_letter_code
;GGSARERDTSRRLLAEKERE(MSE)AE(MSE)RAR(MSE)QQQLDEYQELLDIKLALD(MSE)EIHAYRKLLEGEEERLR
LSPSPTSQRS
;
_entity_poly.pdbx_strand_id   A,B
#
# COMPACT_ATOMS: atom_id res chain seq x y z
N GLY A 2 34.41 -16.53 -4.25
CA GLY A 2 33.94 -17.79 -3.53
C GLY A 2 32.77 -17.48 -2.60
N SER A 3 33.09 -17.05 -1.38
CA SER A 3 32.10 -16.40 -0.52
C SER A 3 31.91 -14.93 -0.92
N ALA A 4 32.96 -14.28 -1.42
CA ALA A 4 32.79 -12.94 -1.99
C ALA A 4 31.79 -12.99 -3.18
N ARG A 5 32.01 -13.92 -4.11
CA ARG A 5 31.06 -14.19 -5.21
C ARG A 5 29.67 -14.55 -4.72
N GLU A 6 29.59 -15.40 -3.70
CA GLU A 6 28.31 -15.77 -3.12
C GLU A 6 27.63 -14.54 -2.53
N ARG A 7 28.40 -13.71 -1.83
CA ARG A 7 27.83 -12.52 -1.18
C ARG A 7 27.45 -11.47 -2.21
N ASP A 8 28.17 -11.40 -3.32
CA ASP A 8 27.83 -10.43 -4.33
C ASP A 8 26.55 -10.83 -5.04
N THR A 9 26.45 -12.10 -5.40
CA THR A 9 25.27 -12.58 -6.12
C THR A 9 24.06 -12.41 -5.22
N SER A 10 24.22 -12.72 -3.94
CA SER A 10 23.14 -12.56 -2.96
C SER A 10 22.69 -11.09 -2.88
N ARG A 11 23.65 -10.18 -2.82
CA ARG A 11 23.37 -8.74 -2.83
C ARG A 11 22.60 -8.27 -4.06
N ARG A 12 22.97 -8.78 -5.24
CA ARG A 12 22.33 -8.36 -6.50
C ARG A 12 20.91 -8.90 -6.58
N LEU A 13 20.74 -10.19 -6.34
CA LEU A 13 19.43 -10.82 -6.41
C LEU A 13 18.41 -10.16 -5.49
N LEU A 14 18.84 -9.88 -4.27
CA LEU A 14 17.99 -9.21 -3.31
C LEU A 14 17.75 -7.75 -3.65
N ALA A 15 18.65 -7.12 -4.40
CA ALA A 15 18.46 -5.74 -4.75
C ALA A 15 17.46 -5.64 -5.92
N GLU A 16 17.53 -6.62 -6.82
CA GLU A 16 16.56 -6.75 -7.89
C GLU A 16 15.17 -6.98 -7.30
N LYS A 17 15.09 -7.82 -6.28
CA LYS A 17 13.84 -8.07 -5.58
C LYS A 17 13.29 -6.80 -4.89
N GLU A 18 14.18 -5.97 -4.34
CA GLU A 18 13.72 -4.76 -3.65
C GLU A 18 13.36 -3.62 -4.61
N ARG A 19 13.90 -3.65 -5.84
CA ARG A 19 13.45 -2.75 -6.91
C ARG A 19 11.98 -3.08 -7.19
N GLU A 20 11.74 -4.34 -7.49
CA GLU A 20 10.42 -4.82 -7.86
C GLU A 20 9.41 -4.48 -6.78
N MSE A 21 9.77 -4.70 -5.51
CA MSE A 21 8.91 -4.34 -4.38
C MSE A 21 8.70 -2.82 -4.28
O MSE A 21 7.60 -2.36 -3.98
CB MSE A 21 9.49 -4.84 -3.05
CG MSE A 21 9.43 -6.33 -2.87
SE MSE A 21 7.66 -7.08 -2.94
CE MSE A 21 6.81 -6.13 -1.46
N ALA A 22 9.75 -2.06 -4.54
CA ALA A 22 9.67 -0.59 -4.49
C ALA A 22 8.67 -0.07 -5.50
N GLU A 23 8.65 -0.68 -6.69
CA GLU A 23 7.71 -0.28 -7.73
C GLU A 23 6.29 -0.55 -7.24
N MSE A 24 6.10 -1.68 -6.58
CA MSE A 24 4.78 -2.05 -6.11
C MSE A 24 4.30 -1.12 -5.05
O MSE A 24 3.20 -0.62 -5.16
CB MSE A 24 4.75 -3.48 -5.60
CG MSE A 24 4.95 -4.49 -6.69
SE MSE A 24 3.75 -4.25 -8.19
CE MSE A 24 2.04 -4.41 -7.22
N ARG A 25 5.11 -0.86 -4.02
CA ARG A 25 4.76 0.17 -3.02
C ARG A 25 4.38 1.49 -3.68
N ALA A 26 5.12 1.87 -4.73
CA ALA A 26 4.92 3.16 -5.37
C ALA A 26 3.58 3.18 -6.09
N ARG A 27 3.30 2.12 -6.81
CA ARG A 27 1.99 1.99 -7.47
C ARG A 27 0.83 1.96 -6.49
N MSE A 28 1.01 1.24 -5.39
N MSE A 28 1.00 1.26 -5.38
CA MSE A 28 0.00 1.15 -4.34
CA MSE A 28 -0.03 1.16 -4.36
C MSE A 28 -0.15 2.46 -3.59
C MSE A 28 -0.14 2.43 -3.51
O MSE A 28 -1.27 2.87 -3.26
O MSE A 28 -1.22 2.75 -3.02
CB MSE A 28 0.35 0.03 -3.36
CB MSE A 28 0.21 -0.07 -3.50
CG MSE A 28 0.34 -1.35 -4.00
CG MSE A 28 0.20 -1.36 -4.31
SE MSE A 28 -1.12 -1.63 -5.25
SE MSE A 28 0.19 -3.00 -3.25
CE MSE A 28 -2.44 -2.32 -3.99
CE MSE A 28 -1.75 -3.11 -3.00
N GLN A 29 0.96 3.14 -3.33
CA GLN A 29 0.90 4.46 -2.68
C GLN A 29 0.12 5.42 -3.57
N GLN A 30 0.31 5.33 -4.87
CA GLN A 30 -0.38 6.21 -5.77
C GLN A 30 -1.88 5.95 -5.68
N GLN A 31 -2.26 4.68 -5.62
CA GLN A 31 -3.68 4.35 -5.59
C GLN A 31 -4.32 4.77 -4.29
N LEU A 32 -3.58 4.63 -3.19
CA LEU A 32 -4.05 5.11 -1.89
C LEU A 32 -4.27 6.61 -1.90
N ASP A 33 -3.31 7.34 -2.48
CA ASP A 33 -3.39 8.79 -2.59
C ASP A 33 -4.65 9.18 -3.35
N GLU A 34 -4.92 8.51 -4.47
CA GLU A 34 -6.14 8.78 -5.24
C GLU A 34 -7.41 8.49 -4.42
N TYR A 35 -7.39 7.41 -3.65
CA TYR A 35 -8.53 7.08 -2.80
C TYR A 35 -8.69 8.17 -1.77
N GLN A 36 -7.60 8.52 -1.08
CA GLN A 36 -7.64 9.61 -0.09
C GLN A 36 -8.26 10.88 -0.67
N GLU A 37 -7.90 11.22 -1.90
CA GLU A 37 -8.40 12.45 -2.49
C GLU A 37 -9.92 12.34 -2.62
N LEU A 38 -10.37 11.19 -3.09
CA LEU A 38 -11.78 10.98 -3.31
C LEU A 38 -12.55 11.14 -1.99
N LEU A 39 -12.04 10.54 -0.91
CA LEU A 39 -12.73 10.63 0.39
C LEU A 39 -12.71 12.05 0.90
N ASP A 40 -11.56 12.74 0.72
CA ASP A 40 -11.40 14.13 1.12
C ASP A 40 -12.44 14.98 0.41
N ILE A 41 -12.57 14.79 -0.89
CA ILE A 41 -13.57 15.56 -1.62
C ILE A 41 -14.99 15.24 -1.14
N LYS A 42 -15.24 13.95 -0.91
CA LYS A 42 -16.56 13.59 -0.41
C LYS A 42 -16.84 14.26 0.92
N LEU A 43 -15.87 14.25 1.84
CA LEU A 43 -16.11 14.92 3.13
C LEU A 43 -16.31 16.43 2.94
N ALA A 44 -15.48 17.06 2.11
CA ALA A 44 -15.63 18.48 1.83
C ALA A 44 -17.04 18.73 1.33
N LEU A 45 -17.48 17.95 0.33
CA LEU A 45 -18.83 18.12 -0.23
C LEU A 45 -19.92 17.96 0.82
N ASP A 46 -19.89 16.90 1.61
CA ASP A 46 -20.91 16.72 2.66
C ASP A 46 -20.93 17.91 3.62
N MSE A 47 -19.77 18.47 3.95
CA MSE A 47 -19.74 19.68 4.77
C MSE A 47 -20.34 20.87 4.04
O MSE A 47 -21.11 21.63 4.63
CB MSE A 47 -18.34 19.97 5.27
CG MSE A 47 -18.02 19.12 6.50
SE MSE A 47 -16.18 19.32 7.09
CE MSE A 47 -15.28 18.54 5.55
N GLU A 48 -20.05 21.03 2.76
CA GLU A 48 -20.69 22.11 2.01
C GLU A 48 -22.20 21.91 1.95
N ILE A 49 -22.64 20.68 1.81
CA ILE A 49 -24.07 20.38 1.79
C ILE A 49 -24.71 20.66 3.14
N HIS A 50 -24.07 20.25 4.23
CA HIS A 50 -24.60 20.55 5.57
C HIS A 50 -24.82 22.07 5.73
N ALA A 51 -23.81 22.85 5.41
CA ALA A 51 -23.84 24.29 5.57
C ALA A 51 -24.90 24.94 4.69
N TYR A 52 -24.99 24.48 3.45
CA TYR A 52 -25.93 25.07 2.52
C TYR A 52 -27.34 24.70 2.93
N ARG A 53 -27.49 23.50 3.49
CA ARG A 53 -28.77 23.09 4.05
C ARG A 53 -29.16 24.03 5.19
N LYS A 54 -28.25 24.26 6.14
CA LYS A 54 -28.57 25.12 7.30
C LYS A 54 -28.82 26.59 6.89
N LEU A 55 -28.14 27.04 5.84
CA LEU A 55 -28.31 28.40 5.32
C LEU A 55 -29.79 28.65 4.97
N LEU A 56 -30.39 27.71 4.26
CA LEU A 56 -31.76 27.84 3.76
C LEU A 56 -32.82 27.26 4.73
N GLU A 57 -32.57 27.29 6.04
CA GLU A 57 -33.55 26.84 7.03
C GLU A 57 -34.37 28.02 7.54
N GLY A 58 -33.68 29.03 8.07
CA GLY A 58 -34.34 30.20 8.64
C GLY A 58 -33.35 31.29 9.03
N GLY B 2 -25.19 23.30 19.59
CA GLY B 2 -25.10 23.85 18.21
C GLY B 2 -23.73 23.63 17.59
N SER B 3 -22.71 24.23 18.18
CA SER B 3 -21.31 24.08 17.71
C SER B 3 -20.63 22.86 18.33
N ALA B 4 -21.10 22.44 19.52
CA ALA B 4 -20.59 21.21 20.14
C ALA B 4 -20.92 19.97 19.31
N ARG B 5 -22.16 19.91 18.81
CA ARG B 5 -22.61 18.82 17.94
C ARG B 5 -21.91 18.85 16.59
N GLU B 6 -21.91 20.01 15.94
CA GLU B 6 -21.23 20.21 14.65
C GLU B 6 -19.75 19.79 14.71
N ARG B 7 -19.05 20.19 15.76
CA ARG B 7 -17.63 19.87 15.94
C ARG B 7 -17.45 18.38 16.19
N ASP B 8 -18.40 17.80 16.92
CA ASP B 8 -18.36 16.39 17.25
C ASP B 8 -18.55 15.49 16.03
N THR B 9 -19.58 15.77 15.23
CA THR B 9 -19.82 14.98 14.01
C THR B 9 -18.66 15.13 13.03
N SER B 10 -18.10 16.33 12.94
CA SER B 10 -16.92 16.59 12.11
C SER B 10 -15.73 15.73 12.56
N ARG B 11 -15.53 15.63 13.87
CA ARG B 11 -14.47 14.78 14.43
C ARG B 11 -14.69 13.32 14.03
N ARG B 12 -15.92 12.83 14.20
CA ARG B 12 -16.27 11.43 13.87
C ARG B 12 -16.12 11.14 12.38
N LEU B 13 -16.56 12.09 11.54
CA LEU B 13 -16.50 11.91 10.08
C LEU B 13 -15.06 11.79 9.62
N LEU B 14 -14.22 12.72 10.05
CA LEU B 14 -12.77 12.68 9.79
C LEU B 14 -12.13 11.43 10.40
N ALA B 15 -12.60 11.05 11.59
CA ALA B 15 -12.11 9.85 12.24
C ALA B 15 -12.50 8.62 11.45
N GLU B 16 -13.71 8.62 10.91
CA GLU B 16 -14.13 7.52 10.06
C GLU B 16 -13.30 7.46 8.78
N LYS B 17 -13.07 8.61 8.17
CA LYS B 17 -12.24 8.69 6.97
C LYS B 17 -10.85 8.16 7.26
N GLU B 18 -10.26 8.56 8.40
CA GLU B 18 -8.94 8.04 8.79
C GLU B 18 -8.97 6.51 9.00
N ARG B 19 -10.07 6.01 9.55
CA ARG B 19 -10.24 4.57 9.76
C ARG B 19 -10.33 3.84 8.43
N GLU B 20 -11.08 4.43 7.49
CA GLU B 20 -11.24 3.82 6.18
C GLU B 20 -9.89 3.76 5.47
N MSE B 21 -9.08 4.81 5.61
CA MSE B 21 -7.71 4.85 5.08
C MSE B 21 -6.73 3.88 5.78
O MSE B 21 -5.93 3.24 5.13
CB MSE B 21 -7.16 6.27 5.15
CG MSE B 21 -7.89 7.29 4.24
SE MSE B 21 -7.73 6.78 2.35
CE MSE B 21 -5.77 6.90 2.24
N ALA B 22 -6.81 3.77 7.10
CA ALA B 22 -5.98 2.80 7.82
C ALA B 22 -6.28 1.36 7.38
N GLU B 23 -7.56 1.02 7.29
CA GLU B 23 -7.98 -0.29 6.83
C GLU B 23 -7.53 -0.55 5.39
N MSE B 24 -7.66 0.47 4.54
CA MSE B 24 -7.20 0.38 3.16
C MSE B 24 -5.68 0.16 3.08
O MSE B 24 -5.22 -0.65 2.28
CB MSE B 24 -7.61 1.64 2.39
CG MSE B 24 -7.36 1.63 0.86
SE MSE B 24 -8.44 0.37 -0.21
CE MSE B 24 -10.07 0.33 0.87
N ARG B 25 -4.92 0.88 3.92
CA ARG B 25 -3.46 0.65 4.02
C ARG B 25 -3.19 -0.78 4.50
N ALA B 26 -3.95 -1.23 5.48
CA ALA B 26 -3.81 -2.58 6.01
C ALA B 26 -3.99 -3.59 4.89
N ARG B 27 -4.99 -3.36 4.03
CA ARG B 27 -5.21 -4.26 2.90
C ARG B 27 -4.13 -4.13 1.84
N MSE B 28 -3.52 -2.93 1.67
CA MSE B 28 -2.39 -2.81 0.76
CA MSE B 28 -2.35 -2.76 0.78
C MSE B 28 -1.27 -3.72 1.24
O MSE B 28 -0.72 -4.46 0.45
CB MSE B 28 -1.85 -1.38 0.70
CB MSE B 28 -1.78 -1.31 0.80
CG MSE B 28 -2.78 -0.33 0.16
CG MSE B 28 -0.27 -1.21 0.36
SE MSE B 28 -3.87 -0.89 -1.33
SE MSE B 28 0.78 0.48 0.52
CE MSE B 28 -4.12 0.86 -2.00
CE MSE B 28 1.14 0.51 2.44
N GLN B 29 -0.95 -3.65 2.53
CA GLN B 29 0.16 -4.42 3.08
C GLN B 29 0.00 -5.91 2.86
N GLN B 30 -1.20 -6.43 3.12
CA GLN B 30 -1.46 -7.87 2.96
C GLN B 30 -1.16 -8.30 1.53
N GLN B 31 -1.55 -7.47 0.56
CA GLN B 31 -1.27 -7.78 -0.85
C GLN B 31 0.23 -7.71 -1.14
N LEU B 32 0.90 -6.69 -0.62
CA LEU B 32 2.36 -6.58 -0.76
C LEU B 32 3.04 -7.77 -0.13
N ASP B 33 2.60 -8.11 1.08
CA ASP B 33 3.17 -9.25 1.78
C ASP B 33 3.02 -10.53 0.95
N GLU B 34 1.84 -10.72 0.36
CA GLU B 34 1.58 -11.90 -0.45
C GLU B 34 2.50 -11.91 -1.65
N TYR B 35 2.62 -10.76 -2.30
CA TYR B 35 3.48 -10.62 -3.48
C TYR B 35 4.94 -10.90 -3.14
N GLN B 36 5.39 -10.35 -2.02
CA GLN B 36 6.72 -10.59 -1.51
C GLN B 36 6.95 -12.10 -1.38
N GLU B 37 5.99 -12.80 -0.79
CA GLU B 37 6.15 -14.24 -0.53
C GLU B 37 6.31 -14.98 -1.84
N LEU B 38 5.48 -14.63 -2.83
CA LEU B 38 5.59 -15.18 -4.17
C LEU B 38 6.99 -14.94 -4.73
N LEU B 39 7.48 -13.73 -4.59
CA LEU B 39 8.82 -13.41 -5.10
C LEU B 39 9.87 -14.28 -4.41
N ASP B 40 9.71 -14.50 -3.10
CA ASP B 40 10.63 -15.35 -2.36
C ASP B 40 10.63 -16.78 -2.91
N ILE B 41 9.45 -17.31 -3.15
CA ILE B 41 9.33 -18.67 -3.62
C ILE B 41 9.94 -18.75 -5.02
N LYS B 42 9.73 -17.74 -5.84
CA LYS B 42 10.31 -17.74 -7.17
C LYS B 42 11.83 -17.76 -7.12
N LEU B 43 12.41 -16.89 -6.31
CA LEU B 43 13.85 -16.88 -6.21
C LEU B 43 14.33 -18.25 -5.74
N ALA B 44 13.63 -18.83 -4.77
CA ALA B 44 14.02 -20.15 -4.24
C ALA B 44 14.04 -21.21 -5.31
N LEU B 45 12.98 -21.25 -6.13
CA LEU B 45 12.89 -22.22 -7.22
C LEU B 45 13.86 -21.97 -8.36
N ASP B 46 14.07 -20.70 -8.69
CA ASP B 46 15.07 -20.32 -9.68
C ASP B 46 16.45 -20.73 -9.25
N MSE B 47 16.79 -20.48 -7.98
CA MSE B 47 18.08 -20.96 -7.45
C MSE B 47 18.19 -22.47 -7.47
O MSE B 47 19.27 -23.01 -7.68
CB MSE B 47 18.32 -20.46 -6.02
CG MSE B 47 18.94 -19.09 -5.95
SE MSE B 47 18.63 -18.31 -4.21
CE MSE B 47 19.01 -16.43 -4.59
N GLU B 48 17.07 -23.16 -7.28
CA GLU B 48 17.08 -24.62 -7.31
C GLU B 48 17.30 -25.12 -8.73
N ILE B 49 16.48 -24.64 -9.67
CA ILE B 49 16.59 -25.01 -11.08
C ILE B 49 18.04 -24.75 -11.50
N HIS B 50 18.50 -23.52 -11.34
CA HIS B 50 19.88 -23.14 -11.69
C HIS B 50 20.95 -24.08 -11.12
N ALA B 51 20.81 -24.47 -9.84
CA ALA B 51 21.78 -25.40 -9.24
C ALA B 51 21.78 -26.73 -10.00
N TYR B 52 20.59 -27.22 -10.32
CA TYR B 52 20.47 -28.45 -11.08
C TYR B 52 21.13 -28.29 -12.45
N ARG B 53 20.70 -27.28 -13.20
CA ARG B 53 21.18 -27.05 -14.58
C ARG B 53 22.71 -26.92 -14.69
N LYS B 54 23.36 -26.37 -13.67
CA LYS B 54 24.81 -26.14 -13.73
C LYS B 54 25.57 -27.08 -12.80
N LEU B 55 25.17 -27.10 -11.53
CA LEU B 55 25.91 -27.80 -10.47
C LEU B 55 25.66 -29.32 -10.49
N LEU B 56 24.80 -29.79 -11.41
CA LEU B 56 24.72 -31.22 -11.73
C LEU B 56 24.67 -31.44 -13.24
N GLU B 57 25.36 -30.57 -13.98
CA GLU B 57 25.70 -30.77 -15.38
C GLU B 57 27.06 -30.14 -15.61
N GLY B 58 28.10 -30.81 -15.10
CA GLY B 58 29.45 -30.29 -15.08
C GLY B 58 30.06 -30.47 -13.71
#